data_9FLQ
#
_entry.id   9FLQ
#
_cell.length_a   68.590
_cell.length_b   77.993
_cell.length_c   87.098
_cell.angle_alpha   90.00
_cell.angle_beta   90.00
_cell.angle_gamma   90.00
#
_symmetry.space_group_name_H-M   'P 21 21 21'
#
loop_
_entity.id
_entity.type
_entity.pdbx_description
1 polymer 'Serine/threonine-protein kinase haspin'
2 non-polymer '4-(2-HYDROXYETHYL)-1-PIPERAZINE ETHANESULFONIC ACID'
3 non-polymer (4S)-2-METHYL-2,4-PENTANEDIOL
4 non-polymer 'SODIUM ION'
5 non-polymer [4-[5-(1-methylpyrazol-4-yl)pyrazolo[1,5-a]pyrimidin-3-yl]pyridin-2-yl]methanamine
6 non-polymer 'NICKEL (II) ION'
7 water water
#
_entity_poly.entity_id   1
_entity_poly.type   'polypeptide(L)'
_entity_poly.pdbx_seq_one_letter_code
;MHHHHHHSSGVDLGTENLYFQSMGECSQKGPVPFSHCLPTEKLQRCEKIGEGVFGEVFQTIADHTPVAIKIIAIEGPDLV
NGSHQKTFEEILPEIIISKELSLLSGEVCNRTEGFIGLNSVHCVQGSYPPLLLKAWDHYNSTKGSANDRPDFFKDDQLFI
VLEFEFGGIDLEQMRTKLSSLATAKSILHQLTASLAVAEASLRFEHRDLHWGNVLLKKTSLKKLHYTLNGKSSTIPSCGL
QVSIIDYTLSRLERDGIVVFCDVSMDEDLFTGDGDYQFDIYRLMKKENNNRWGEYHPYSNVLWLHYLTDKMLKQMTFKTK
CNTPAMKQIKRKIQEFHRTMLNFSSATDLLCQHSLFK
;
_entity_poly.pdbx_strand_id   A
#
# COMPACT_ATOMS: atom_id res chain seq x y z
N GLY A 30 -3.64 -8.74 28.27
CA GLY A 30 -2.35 -8.18 27.84
C GLY A 30 -1.78 -8.92 26.61
N PRO A 31 -0.45 -8.87 26.38
CA PRO A 31 0.15 -9.43 25.16
C PRO A 31 0.15 -10.95 25.19
N VAL A 32 0.26 -11.56 24.02
CA VAL A 32 0.37 -13.00 23.88
C VAL A 32 1.79 -13.35 23.41
N PRO A 33 2.27 -14.59 23.66
CA PRO A 33 3.55 -15.02 23.11
C PRO A 33 3.52 -15.06 21.58
N PHE A 34 4.71 -14.87 20.97
CA PHE A 34 4.86 -14.98 19.53
C PHE A 34 4.20 -16.24 19.00
N SER A 35 4.35 -17.36 19.75
CA SER A 35 3.87 -18.67 19.32
C SER A 35 2.35 -18.72 19.22
N HIS A 36 1.63 -17.83 19.92
CA HIS A 36 0.18 -17.76 19.76
C HIS A 36 -0.17 -17.40 18.32
N CYS A 37 0.58 -16.47 17.70
CA CYS A 37 0.32 -16.03 16.34
C CYS A 37 1.08 -16.87 15.31
N LEU A 38 2.24 -17.38 15.72
CA LEU A 38 3.17 -18.02 14.81
C LEU A 38 3.62 -19.35 15.40
N PRO A 39 2.73 -20.36 15.43
CA PRO A 39 3.11 -21.70 15.84
C PRO A 39 4.14 -22.25 14.84
N THR A 40 4.81 -23.34 15.21
CA THR A 40 5.97 -23.84 14.47
C THR A 40 5.69 -24.01 12.98
N GLU A 41 4.55 -24.58 12.60
CA GLU A 41 4.31 -24.91 11.20
C GLU A 41 4.22 -23.62 10.38
N LYS A 42 3.53 -22.63 10.95
CA LYS A 42 3.34 -21.32 10.35
C LYS A 42 4.68 -20.61 10.22
N LEU A 43 5.52 -20.74 11.27
CA LEU A 43 6.82 -20.13 11.34
C LEU A 43 7.77 -20.76 10.30
N GLN A 44 7.65 -22.08 10.13
CA GLN A 44 8.48 -22.84 9.21
C GLN A 44 8.14 -22.52 7.76
N ARG A 45 6.95 -21.97 7.50
CA ARG A 45 6.57 -21.66 6.12
C ARG A 45 6.69 -20.16 5.83
N CYS A 46 7.31 -19.38 6.74
CA CYS A 46 7.44 -17.94 6.56
C CYS A 46 8.55 -17.63 5.55
N GLU A 47 8.24 -16.73 4.61
CA GLU A 47 9.22 -16.15 3.71
C GLU A 47 9.07 -14.64 3.80
N LYS A 48 10.19 -13.92 3.91
CA LYS A 48 10.14 -12.47 3.92
C LYS A 48 9.80 -11.94 2.53
N ILE A 49 8.84 -11.00 2.47
CA ILE A 49 8.39 -10.43 1.21
C ILE A 49 8.53 -8.90 1.17
N GLY A 50 8.83 -8.27 2.30
CA GLY A 50 8.86 -6.81 2.31
C GLY A 50 9.37 -6.22 3.61
N GLU A 51 9.64 -4.92 3.58
CA GLU A 51 10.19 -4.22 4.73
C GLU A 51 9.96 -2.72 4.60
N GLY A 52 10.21 -2.03 5.71
CA GLY A 52 10.27 -0.58 5.75
C GLY A 52 10.87 -0.19 7.08
N VAL A 53 10.89 1.11 7.36
CA VAL A 53 11.38 1.58 8.64
C VAL A 53 10.53 0.96 9.75
N PHE A 54 9.25 0.75 9.44
CA PHE A 54 8.30 0.22 10.41
C PHE A 54 8.68 -1.16 10.91
N GLY A 55 9.41 -1.94 10.10
CA GLY A 55 9.65 -3.34 10.42
C GLY A 55 9.61 -4.26 9.21
N GLU A 56 8.89 -5.41 9.33
CA GLU A 56 9.10 -6.54 8.45
C GLU A 56 7.76 -7.11 7.98
N VAL A 57 7.73 -7.69 6.78
CA VAL A 57 6.53 -8.32 6.24
C VAL A 57 6.90 -9.72 5.72
N PHE A 58 6.12 -10.73 6.17
CA PHE A 58 6.35 -12.11 5.82
C PHE A 58 5.08 -12.65 5.18
N GLN A 59 5.27 -13.65 4.31
CA GLN A 59 4.21 -14.45 3.75
C GLN A 59 4.25 -15.80 4.46
N THR A 60 3.09 -16.36 4.81
CA THR A 60 3.04 -17.71 5.33
C THR A 60 1.67 -18.29 5.00
N ILE A 61 1.34 -19.43 5.64
CA ILE A 61 0.08 -20.12 5.42
C ILE A 61 -0.61 -20.19 6.77
N ALA A 62 -1.89 -19.84 6.79
CA ALA A 62 -2.71 -19.95 7.99
C ALA A 62 -4.00 -20.67 7.59
N ASP A 63 -4.24 -21.84 8.19
CA ASP A 63 -5.40 -22.66 7.85
C ASP A 63 -5.50 -22.80 6.33
N HIS A 64 -4.42 -23.30 5.71
CA HIS A 64 -4.30 -23.62 4.31
C HIS A 64 -4.56 -22.42 3.41
N THR A 65 -4.36 -21.21 3.94
CA THR A 65 -4.69 -19.97 3.24
C THR A 65 -3.43 -19.09 3.27
N PRO A 66 -2.93 -18.56 2.14
CA PRO A 66 -1.80 -17.63 2.19
C PRO A 66 -2.19 -16.32 2.88
N VAL A 67 -1.27 -15.81 3.70
CA VAL A 67 -1.45 -14.57 4.43
C VAL A 67 -0.13 -13.79 4.41
N ALA A 68 -0.23 -12.49 4.63
CA ALA A 68 0.92 -11.63 4.85
C ALA A 68 0.86 -11.09 6.26
N ILE A 69 2.03 -11.08 6.94
CA ILE A 69 2.12 -10.70 8.33
C ILE A 69 3.07 -9.51 8.40
N LYS A 70 2.58 -8.38 8.92
CA LYS A 70 3.38 -7.20 9.18
C LYS A 70 3.64 -7.12 10.68
N ILE A 71 4.93 -6.98 11.02
CA ILE A 71 5.41 -7.07 12.39
C ILE A 71 6.15 -5.77 12.72
N ILE A 72 5.61 -5.07 13.70
CA ILE A 72 6.10 -3.77 14.12
C ILE A 72 6.50 -3.81 15.60
N ALA A 73 7.76 -3.47 15.89
CA ALA A 73 8.22 -3.33 17.28
C ALA A 73 7.63 -2.06 17.89
N ILE A 74 7.08 -2.16 19.12
CA ILE A 74 6.54 -0.99 19.81
C ILE A 74 7.05 -0.93 21.25
N GLU A 75 7.03 0.28 21.82
CA GLU A 75 7.13 0.56 23.26
C GLU A 75 8.55 0.37 23.81
N GLY A 76 9.51 -0.05 22.98
CA GLY A 76 10.87 -0.29 23.44
C GLY A 76 11.78 0.90 23.24
N PRO A 77 12.94 0.93 23.94
CA PRO A 77 13.90 2.02 23.84
C PRO A 77 14.93 1.98 22.71
N ASP A 78 15.14 0.81 22.09
CA ASP A 78 16.19 0.66 21.09
C ASP A 78 15.78 1.32 19.78
N LEU A 79 16.79 1.81 19.06
CA LEU A 79 16.62 2.30 17.70
C LEU A 79 16.37 1.13 16.78
N VAL A 80 15.45 1.33 15.84
CA VAL A 80 15.08 0.29 14.91
C VAL A 80 14.98 0.94 13.56
N ASN A 81 15.86 0.55 12.63
CA ASN A 81 15.83 1.00 11.25
C ASN A 81 15.90 2.53 11.20
N GLY A 82 16.66 3.13 12.11
CA GLY A 82 16.92 4.56 12.04
C GLY A 82 16.04 5.38 12.96
N SER A 83 14.97 4.79 13.55
CA SER A 83 14.00 5.56 14.30
C SER A 83 13.73 4.92 15.65
N HIS A 84 13.20 5.75 16.55
CA HIS A 84 12.65 5.27 17.81
C HIS A 84 11.36 4.51 17.50
N GLN A 85 11.05 3.56 18.37
CA GLN A 85 9.84 2.77 18.25
C GLN A 85 8.62 3.61 18.58
N LYS A 86 7.52 3.35 17.86
CA LYS A 86 6.24 3.95 18.19
C LYS A 86 5.70 3.31 19.46
N THR A 87 4.86 4.08 20.16
CA THR A 87 4.02 3.57 21.23
C THR A 87 2.79 2.91 20.64
N PHE A 88 2.07 2.15 21.47
CA PHE A 88 0.80 1.57 21.10
C PHE A 88 -0.11 2.67 20.55
N GLU A 89 -0.18 3.81 21.24
CA GLU A 89 -1.08 4.87 20.83
C GLU A 89 -0.72 5.38 19.43
N GLU A 90 0.57 5.37 19.11
CA GLU A 90 1.04 5.89 17.84
C GLU A 90 0.83 4.90 16.68
N ILE A 91 0.58 3.60 16.96
N ILE A 91 0.57 3.61 16.96
CA ILE A 91 0.31 2.64 15.89
CA ILE A 91 0.30 2.66 15.90
C ILE A 91 -1.19 2.43 15.72
C ILE A 91 -1.20 2.52 15.68
N LEU A 92 -2.01 2.93 16.66
CA LEU A 92 -3.45 2.77 16.58
C LEU A 92 -4.02 3.38 15.29
N PRO A 93 -3.57 4.56 14.83
CA PRO A 93 -4.08 5.11 13.57
C PRO A 93 -3.97 4.14 12.39
N GLU A 94 -2.81 3.49 12.25
CA GLU A 94 -2.62 2.57 11.15
C GLU A 94 -3.59 1.39 11.26
N ILE A 95 -3.81 0.91 12.48
CA ILE A 95 -4.70 -0.20 12.72
C ILE A 95 -6.12 0.18 12.31
N ILE A 96 -6.55 1.36 12.78
CA ILE A 96 -7.88 1.86 12.47
C ILE A 96 -8.04 2.01 10.96
N ILE A 97 -7.06 2.63 10.30
CA ILE A 97 -7.17 2.84 8.86
C ILE A 97 -7.23 1.49 8.14
N SER A 98 -6.40 0.53 8.55
CA SER A 98 -6.40 -0.80 7.96
C SER A 98 -7.78 -1.44 8.04
N LYS A 99 -8.42 -1.33 9.22
CA LYS A 99 -9.75 -1.87 9.43
C LYS A 99 -10.78 -1.21 8.50
N GLU A 100 -10.77 0.12 8.41
CA GLU A 100 -11.74 0.87 7.62
C GLU A 100 -11.60 0.53 6.13
N LEU A 101 -10.37 0.46 5.63
CA LEU A 101 -10.18 0.14 4.22
C LEU A 101 -10.54 -1.31 3.92
N SER A 102 -10.26 -2.23 4.85
CA SER A 102 -10.68 -3.63 4.70
C SER A 102 -12.19 -3.73 4.57
N LEU A 103 -12.93 -2.94 5.35
CA LEU A 103 -14.40 -2.99 5.38
C LEU A 103 -14.99 -2.62 4.01
N LEU A 104 -14.27 -1.86 3.20
CA LEU A 104 -14.83 -1.36 1.96
C LEU A 104 -15.20 -2.47 0.99
N SER A 105 -14.57 -3.65 1.10
CA SER A 105 -14.91 -4.74 0.20
C SER A 105 -16.33 -5.26 0.45
N GLY A 106 -16.91 -5.01 1.63
CA GLY A 106 -18.24 -5.52 1.97
C GLY A 106 -19.31 -4.43 2.09
N GLU A 107 -18.96 -3.17 1.82
CA GLU A 107 -19.92 -2.08 1.89
C GLU A 107 -20.77 -2.08 0.61
N VAL A 108 -21.68 -1.11 0.47
CA VAL A 108 -22.67 -1.12 -0.61
C VAL A 108 -22.63 0.17 -1.40
N CYS A 109 -22.79 1.30 -0.73
CA CYS A 109 -22.83 2.59 -1.40
C CYS A 109 -21.44 3.00 -1.89
N ASN A 110 -20.41 2.72 -1.08
CA ASN A 110 -19.03 2.99 -1.42
C ASN A 110 -18.27 1.69 -1.15
N ARG A 111 -18.02 0.96 -2.24
CA ARG A 111 -17.52 -0.39 -2.19
C ARG A 111 -16.38 -0.56 -3.21
N THR A 112 -15.29 -1.16 -2.73
CA THR A 112 -14.13 -1.52 -3.56
C THR A 112 -13.39 -2.66 -2.88
N GLU A 113 -12.83 -3.59 -3.69
CA GLU A 113 -11.90 -4.61 -3.23
C GLU A 113 -10.45 -4.17 -3.45
N GLY A 114 -10.23 -2.90 -3.79
CA GLY A 114 -8.94 -2.41 -4.22
C GLY A 114 -7.95 -2.12 -3.10
N PHE A 115 -8.35 -2.27 -1.82
CA PHE A 115 -7.40 -2.24 -0.72
C PHE A 115 -7.00 -3.69 -0.42
N ILE A 116 -6.77 -4.01 0.87
CA ILE A 116 -6.36 -5.35 1.26
C ILE A 116 -7.16 -5.69 2.51
N GLY A 117 -7.59 -6.95 2.62
CA GLY A 117 -8.29 -7.43 3.80
C GLY A 117 -7.37 -7.52 5.02
N LEU A 118 -7.90 -7.09 6.17
CA LEU A 118 -7.24 -7.24 7.46
C LEU A 118 -7.94 -8.37 8.23
N ASN A 119 -7.21 -9.45 8.52
CA ASN A 119 -7.78 -10.60 9.19
C ASN A 119 -7.72 -10.49 10.72
N SER A 120 -6.58 -10.01 11.25
CA SER A 120 -6.45 -9.91 12.70
C SER A 120 -5.32 -8.96 13.07
N VAL A 121 -5.36 -8.51 14.31
CA VAL A 121 -4.30 -7.73 14.93
C VAL A 121 -4.02 -8.36 16.29
N HIS A 122 -2.74 -8.49 16.64
CA HIS A 122 -2.31 -8.97 17.95
C HIS A 122 -1.18 -8.12 18.49
N CYS A 123 -1.09 -8.08 19.82
CA CYS A 123 0.10 -7.56 20.49
C CYS A 123 0.83 -8.78 21.03
N VAL A 124 2.07 -8.96 20.57
N VAL A 124 2.03 -9.04 20.52
CA VAL A 124 2.87 -10.13 20.86
CA VAL A 124 2.80 -10.19 20.94
C VAL A 124 4.04 -9.71 21.74
C VAL A 124 3.99 -9.71 21.78
N GLN A 125 4.52 -10.62 22.60
CA GLN A 125 5.69 -10.37 23.44
C GLN A 125 6.70 -11.49 23.24
N GLY A 126 7.97 -11.12 23.07
CA GLY A 126 9.02 -12.10 22.88
C GLY A 126 10.22 -11.55 22.11
N SER A 127 11.31 -12.32 22.11
CA SER A 127 12.43 -12.04 21.22
C SER A 127 12.03 -12.51 19.84
N TYR A 128 12.75 -12.05 18.82
CA TYR A 128 12.35 -12.39 17.48
C TYR A 128 12.60 -13.87 17.25
N PRO A 129 11.62 -14.64 16.73
CA PRO A 129 11.83 -16.05 16.41
C PRO A 129 12.98 -16.30 15.45
N PRO A 130 13.94 -17.19 15.82
CA PRO A 130 15.01 -17.58 14.90
C PRO A 130 14.55 -17.95 13.51
N LEU A 131 13.35 -18.55 13.37
CA LEU A 131 12.89 -18.93 12.06
C LEU A 131 12.53 -17.70 11.22
N LEU A 132 12.07 -16.61 11.86
CA LEU A 132 11.87 -15.37 11.10
C LEU A 132 13.22 -14.77 10.72
N LEU A 133 14.21 -14.83 11.62
CA LEU A 133 15.56 -14.38 11.28
C LEU A 133 16.14 -15.16 10.11
N LYS A 134 15.81 -16.46 10.02
CA LYS A 134 16.23 -17.26 8.88
C LYS A 134 15.62 -16.73 7.58
N ALA A 135 14.31 -16.45 7.60
CA ALA A 135 13.65 -15.85 6.45
C ALA A 135 14.27 -14.47 6.14
N TRP A 136 14.56 -13.72 7.19
CA TRP A 136 15.11 -12.38 7.01
C TRP A 136 16.48 -12.43 6.31
N ASP A 137 17.31 -13.37 6.75
CA ASP A 137 18.66 -13.61 6.21
C ASP A 137 18.58 -13.98 4.74
N HIS A 138 17.62 -14.84 4.39
CA HIS A 138 17.45 -15.27 3.01
C HIS A 138 17.16 -14.07 2.13
N TYR A 139 16.24 -13.22 2.59
CA TYR A 139 15.87 -12.02 1.85
C TYR A 139 17.08 -11.10 1.72
N ASN A 140 17.83 -10.92 2.80
CA ASN A 140 19.03 -10.08 2.75
C ASN A 140 20.01 -10.62 1.71
N SER A 141 20.23 -11.94 1.72
CA SER A 141 21.11 -12.62 0.78
C SER A 141 20.70 -12.45 -0.68
N THR A 142 19.40 -12.37 -0.99
CA THR A 142 18.95 -12.44 -2.37
C THR A 142 18.52 -11.08 -2.91
N LYS A 143 17.92 -10.23 -2.06
CA LYS A 143 17.45 -8.92 -2.50
C LYS A 143 18.21 -7.80 -1.81
N GLY A 144 18.80 -8.08 -0.64
CA GLY A 144 19.42 -7.04 0.16
C GLY A 144 18.39 -6.29 1.01
N SER A 145 18.81 -5.84 2.19
CA SER A 145 17.92 -5.17 3.12
C SER A 145 18.48 -3.81 3.51
N ALA A 146 17.59 -2.83 3.74
CA ALA A 146 17.99 -1.55 4.35
C ALA A 146 17.75 -1.55 5.86
N ASN A 147 17.35 -2.70 6.44
CA ASN A 147 16.97 -2.74 7.83
C ASN A 147 18.08 -3.36 8.68
N ASP A 148 18.04 -3.05 9.96
CA ASP A 148 18.83 -3.74 10.96
C ASP A 148 18.28 -5.16 11.11
N ARG A 149 19.18 -6.13 11.25
CA ARG A 149 18.79 -7.50 11.51
C ARG A 149 18.05 -7.50 12.84
N PRO A 150 16.77 -7.96 12.88
CA PRO A 150 15.96 -7.83 14.09
C PRO A 150 16.24 -8.88 15.16
N ASP A 151 17.50 -8.94 15.62
CA ASP A 151 17.99 -10.02 16.48
C ASP A 151 18.38 -9.50 17.87
N PHE A 152 18.10 -8.22 18.15
CA PHE A 152 18.53 -7.59 19.39
C PHE A 152 17.37 -7.39 20.37
N PHE A 153 16.17 -7.84 20.02
CA PHE A 153 15.05 -7.64 20.92
C PHE A 153 15.11 -8.66 22.04
N LYS A 154 14.69 -8.23 23.23
CA LYS A 154 14.68 -9.08 24.41
C LYS A 154 13.32 -9.76 24.53
N ASP A 155 13.24 -10.68 25.48
CA ASP A 155 12.08 -11.55 25.59
C ASP A 155 10.87 -10.80 26.15
N ASP A 156 11.03 -9.55 26.60
CA ASP A 156 9.92 -8.72 27.03
C ASP A 156 9.46 -7.75 25.93
N GLN A 157 10.09 -7.78 24.76
CA GLN A 157 9.76 -6.84 23.70
C GLN A 157 8.32 -7.04 23.20
N LEU A 158 7.60 -5.92 22.99
CA LEU A 158 6.28 -5.95 22.38
C LEU A 158 6.35 -5.67 20.88
N PHE A 159 5.43 -6.31 20.16
CA PHE A 159 5.21 -6.08 18.75
C PHE A 159 3.71 -6.07 18.45
N ILE A 160 3.35 -5.32 17.41
CA ILE A 160 2.05 -5.47 16.80
C ILE A 160 2.24 -6.33 15.58
N VAL A 161 1.37 -7.33 15.45
CA VAL A 161 1.35 -8.24 14.32
C VAL A 161 -0.01 -8.07 13.63
N LEU A 162 0.03 -7.56 12.41
CA LEU A 162 -1.15 -7.44 11.56
C LEU A 162 -1.12 -8.57 10.55
N GLU A 163 -2.21 -9.34 10.51
CA GLU A 163 -2.33 -10.38 9.51
C GLU A 163 -3.31 -9.91 8.43
N PHE A 164 -2.81 -9.89 7.20
CA PHE A 164 -3.53 -9.42 6.05
C PHE A 164 -3.76 -10.57 5.08
N GLU A 165 -4.80 -10.35 4.26
CA GLU A 165 -5.02 -11.13 3.07
C GLU A 165 -3.74 -11.06 2.24
N PHE A 166 -3.41 -12.17 1.57
CA PHE A 166 -2.30 -12.18 0.63
C PHE A 166 -2.75 -11.49 -0.67
N GLY A 167 -2.06 -10.41 -1.07
CA GLY A 167 -2.50 -9.59 -2.19
C GLY A 167 -1.75 -9.83 -3.51
N GLY A 168 -0.78 -10.74 -3.53
CA GLY A 168 0.03 -10.96 -4.74
C GLY A 168 1.42 -10.34 -4.64
N ILE A 169 1.91 -9.78 -5.75
CA ILE A 169 3.27 -9.28 -5.83
C ILE A 169 3.24 -7.81 -6.27
N ASP A 170 4.23 -7.04 -5.86
CA ASP A 170 4.18 -5.60 -6.06
C ASP A 170 4.53 -5.21 -7.51
N LEU A 171 4.18 -3.98 -7.85
CA LEU A 171 4.27 -3.50 -9.23
C LEU A 171 5.73 -3.40 -9.67
N GLU A 172 6.58 -2.93 -8.77
CA GLU A 172 8.01 -2.86 -9.00
C GLU A 172 8.56 -4.21 -9.46
N GLN A 173 8.17 -5.30 -8.77
CA GLN A 173 8.63 -6.64 -9.13
C GLN A 173 8.01 -7.08 -10.45
N MET A 174 6.94 -6.43 -10.90
CA MET A 174 6.31 -6.80 -12.15
C MET A 174 6.73 -5.84 -13.26
N ARG A 175 7.77 -5.03 -13.03
CA ARG A 175 8.09 -3.94 -13.95
C ARG A 175 8.49 -4.43 -15.35
N THR A 176 8.85 -5.72 -15.51
CA THR A 176 9.13 -6.27 -16.83
C THR A 176 8.16 -7.38 -17.21
N LYS A 177 7.05 -7.53 -16.50
CA LYS A 177 6.23 -8.73 -16.66
C LYS A 177 4.82 -8.44 -17.19
N LEU A 178 4.38 -7.19 -17.24
CA LEU A 178 3.02 -6.91 -17.67
C LEU A 178 2.90 -7.16 -19.17
N SER A 179 1.70 -7.53 -19.59
CA SER A 179 1.41 -7.90 -20.96
C SER A 179 1.55 -6.70 -21.90
N SER A 180 0.99 -5.55 -21.52
CA SER A 180 0.93 -4.39 -22.39
C SER A 180 0.48 -3.16 -21.63
N LEU A 181 0.42 -2.03 -22.35
CA LEU A 181 -0.08 -0.79 -21.79
C LEU A 181 -1.59 -0.87 -21.54
N ALA A 182 -2.30 -1.80 -22.18
CA ALA A 182 -3.68 -2.03 -21.84
C ALA A 182 -3.77 -2.51 -20.38
N THR A 183 -2.84 -3.38 -19.98
CA THR A 183 -2.72 -3.81 -18.59
C THR A 183 -2.44 -2.62 -17.68
N ALA A 184 -1.47 -1.79 -18.07
CA ALA A 184 -1.11 -0.60 -17.32
C ALA A 184 -2.34 0.31 -17.13
N LYS A 185 -3.16 0.44 -18.17
CA LYS A 185 -4.34 1.28 -18.12
C LYS A 185 -5.34 0.71 -17.11
N SER A 186 -5.57 -0.61 -17.15
CA SER A 186 -6.42 -1.26 -16.17
C SER A 186 -5.91 -0.96 -14.76
N ILE A 187 -4.61 -1.09 -14.54
CA ILE A 187 -4.04 -0.85 -13.22
C ILE A 187 -4.34 0.59 -12.78
N LEU A 188 -4.11 1.57 -13.65
CA LEU A 188 -4.39 2.96 -13.29
C LEU A 188 -5.86 3.19 -12.95
N HIS A 189 -6.76 2.55 -13.71
CA HIS A 189 -8.19 2.71 -13.53
C HIS A 189 -8.59 2.13 -12.17
N GLN A 190 -8.06 0.93 -11.88
CA GLN A 190 -8.36 0.24 -10.63
C GLN A 190 -7.89 1.06 -9.43
N LEU A 191 -6.68 1.62 -9.54
CA LEU A 191 -6.12 2.42 -8.46
C LEU A 191 -6.94 3.68 -8.26
N THR A 192 -7.28 4.36 -9.37
CA THR A 192 -8.03 5.59 -9.29
C THR A 192 -9.41 5.33 -8.67
N ALA A 193 -10.09 4.25 -9.08
CA ALA A 193 -11.42 3.98 -8.57
C ALA A 193 -11.36 3.68 -7.09
N SER A 194 -10.36 2.89 -6.68
CA SER A 194 -10.23 2.52 -5.26
C SER A 194 -10.05 3.76 -4.39
N LEU A 195 -9.18 4.65 -4.83
CA LEU A 195 -8.90 5.86 -4.08
C LEU A 195 -10.12 6.77 -4.06
N ALA A 196 -10.88 6.83 -5.17
CA ALA A 196 -12.11 7.63 -5.23
C ALA A 196 -13.14 7.15 -4.21
N VAL A 197 -13.33 5.83 -4.15
CA VAL A 197 -14.27 5.23 -3.23
C VAL A 197 -13.87 5.55 -1.78
N ALA A 198 -12.56 5.48 -1.49
CA ALA A 198 -12.07 5.80 -0.16
C ALA A 198 -12.20 7.30 0.14
N GLU A 199 -11.97 8.15 -0.88
CA GLU A 199 -12.18 9.58 -0.71
C GLU A 199 -13.63 9.85 -0.30
N ALA A 200 -14.57 9.22 -1.03
CA ALA A 200 -16.00 9.47 -0.89
C ALA A 200 -16.48 9.01 0.48
N SER A 201 -16.00 7.84 0.93
N SER A 201 -16.00 7.85 0.95
CA SER A 201 -16.49 7.21 2.14
CA SER A 201 -16.52 7.24 2.15
C SER A 201 -15.75 7.73 3.38
C SER A 201 -15.75 7.70 3.39
N LEU A 202 -14.46 8.04 3.24
CA LEU A 202 -13.57 8.20 4.39
C LEU A 202 -12.68 9.44 4.33
N ARG A 203 -12.79 10.23 3.26
CA ARG A 203 -11.86 11.34 3.02
C ARG A 203 -10.43 10.85 3.23
N PHE A 204 -10.11 9.75 2.54
CA PHE A 204 -8.84 9.06 2.65
C PHE A 204 -7.77 9.66 1.75
N GLU A 205 -6.56 9.80 2.31
CA GLU A 205 -5.32 9.97 1.56
C GLU A 205 -4.34 8.84 1.91
N HIS A 206 -3.75 8.23 0.88
CA HIS A 206 -2.79 7.17 1.12
C HIS A 206 -1.47 7.73 1.66
N ARG A 207 -0.96 8.74 0.96
CA ARG A 207 0.23 9.52 1.30
C ARG A 207 1.57 8.80 1.08
N ASP A 208 1.59 7.57 0.59
CA ASP A 208 2.87 6.88 0.39
C ASP A 208 2.73 5.78 -0.65
N LEU A 209 2.09 6.08 -1.79
CA LEU A 209 1.69 5.05 -2.74
C LEU A 209 2.78 4.87 -3.81
N HIS A 210 3.99 4.55 -3.35
CA HIS A 210 5.09 4.13 -4.21
C HIS A 210 4.76 2.74 -4.77
N TRP A 211 5.48 2.35 -5.83
CA TRP A 211 5.09 1.15 -6.56
C TRP A 211 5.38 -0.16 -5.83
N GLY A 212 6.08 -0.13 -4.70
CA GLY A 212 6.09 -1.26 -3.79
C GLY A 212 4.74 -1.50 -3.07
N ASN A 213 3.84 -0.50 -3.08
CA ASN A 213 2.61 -0.54 -2.30
C ASN A 213 1.38 -0.79 -3.17
N VAL A 214 1.64 -1.24 -4.41
CA VAL A 214 0.62 -1.63 -5.37
C VAL A 214 0.83 -3.12 -5.63
N LEU A 215 -0.14 -3.96 -5.24
CA LEU A 215 -0.02 -5.40 -5.45
C LEU A 215 -0.90 -5.81 -6.62
N LEU A 216 -0.43 -6.86 -7.32
CA LEU A 216 -1.10 -7.45 -8.46
C LEU A 216 -1.25 -8.94 -8.20
N LYS A 217 -2.44 -9.45 -8.52
CA LYS A 217 -2.76 -10.86 -8.38
C LYS A 217 -3.63 -11.26 -9.55
N LYS A 218 -3.35 -12.44 -10.11
CA LYS A 218 -4.12 -12.95 -11.24
C LYS A 218 -5.56 -13.16 -10.81
N THR A 219 -6.47 -12.94 -11.76
CA THR A 219 -7.88 -13.23 -11.59
C THR A 219 -8.42 -13.72 -12.93
N SER A 220 -9.48 -14.54 -12.88
CA SER A 220 -10.15 -15.01 -14.08
C SER A 220 -11.36 -14.13 -14.37
N LEU A 221 -11.68 -13.21 -13.46
CA LEU A 221 -12.72 -12.23 -13.72
C LEU A 221 -12.29 -11.31 -14.86
N LYS A 222 -13.19 -11.09 -15.82
CA LYS A 222 -12.93 -10.20 -16.94
C LYS A 222 -13.21 -8.75 -16.57
N LYS A 223 -14.18 -8.52 -15.66
CA LYS A 223 -14.61 -7.21 -15.23
C LYS A 223 -14.63 -7.18 -13.69
N LEU A 224 -14.08 -6.10 -13.12
CA LEU A 224 -14.13 -5.87 -11.69
C LEU A 224 -15.19 -4.82 -11.45
N HIS A 225 -15.81 -4.87 -10.25
CA HIS A 225 -16.89 -3.96 -9.92
C HIS A 225 -16.50 -3.09 -8.74
N TYR A 226 -16.90 -1.82 -8.80
CA TYR A 226 -16.86 -0.94 -7.66
C TYR A 226 -18.15 -0.13 -7.62
N THR A 227 -18.45 0.45 -6.45
CA THR A 227 -19.59 1.33 -6.31
C THR A 227 -19.13 2.62 -5.66
N LEU A 228 -19.46 3.75 -6.30
CA LEU A 228 -19.14 5.08 -5.82
C LEU A 228 -20.42 5.89 -5.59
N ASN A 229 -20.62 6.29 -4.33
CA ASN A 229 -21.79 7.02 -3.89
C ASN A 229 -23.06 6.42 -4.51
N GLY A 230 -23.18 5.11 -4.49
CA GLY A 230 -24.41 4.46 -4.90
C GLY A 230 -24.46 4.06 -6.37
N LYS A 231 -23.49 4.48 -7.19
CA LYS A 231 -23.48 4.13 -8.60
C LYS A 231 -22.40 3.08 -8.89
N SER A 232 -22.81 1.94 -9.45
CA SER A 232 -21.90 0.83 -9.73
C SER A 232 -21.34 0.96 -11.14
N SER A 233 -20.08 0.56 -11.29
CA SER A 233 -19.45 0.57 -12.60
C SER A 233 -18.42 -0.55 -12.65
N THR A 234 -17.88 -0.78 -13.85
CA THR A 234 -16.99 -1.91 -14.05
C THR A 234 -15.69 -1.42 -14.66
N ILE A 235 -14.66 -2.24 -14.47
CA ILE A 235 -13.33 -2.01 -15.02
C ILE A 235 -12.86 -3.32 -15.63
N PRO A 236 -12.42 -3.34 -16.91
CA PRO A 236 -11.76 -4.54 -17.45
C PRO A 236 -10.50 -4.82 -16.65
N SER A 237 -10.36 -6.09 -16.19
CA SER A 237 -9.28 -6.49 -15.31
C SER A 237 -7.94 -6.65 -16.03
N CYS A 238 -7.99 -6.98 -17.34
CA CYS A 238 -6.82 -7.52 -18.03
C CYS A 238 -6.14 -8.62 -17.22
N GLY A 239 -6.93 -9.43 -16.52
CA GLY A 239 -6.41 -10.59 -15.81
C GLY A 239 -5.77 -10.29 -14.45
N LEU A 240 -5.91 -9.06 -13.92
CA LEU A 240 -5.22 -8.68 -12.70
C LEU A 240 -6.18 -7.92 -11.76
N GLN A 241 -6.06 -8.22 -10.46
CA GLN A 241 -6.75 -7.46 -9.42
C GLN A 241 -5.68 -6.69 -8.66
N VAL A 242 -5.87 -5.39 -8.49
CA VAL A 242 -4.91 -4.52 -7.80
C VAL A 242 -5.33 -4.37 -6.34
N SER A 243 -4.34 -4.40 -5.43
CA SER A 243 -4.55 -4.10 -4.02
C SER A 243 -3.55 -3.03 -3.57
N ILE A 244 -4.07 -1.96 -2.95
CA ILE A 244 -3.26 -0.92 -2.36
C ILE A 244 -2.99 -1.31 -0.91
N ILE A 245 -1.73 -1.18 -0.48
CA ILE A 245 -1.27 -1.63 0.83
C ILE A 245 -0.47 -0.52 1.49
N ASP A 246 -0.17 -0.76 2.79
CA ASP A 246 0.73 0.02 3.62
C ASP A 246 0.17 1.38 3.99
N TYR A 247 -0.51 1.45 5.14
CA TYR A 247 -1.22 2.66 5.55
C TYR A 247 -0.47 3.42 6.65
N THR A 248 0.86 3.24 6.66
CA THR A 248 1.71 3.85 7.69
C THR A 248 1.57 5.37 7.69
N LEU A 249 1.48 6.02 6.53
CA LEU A 249 1.39 7.47 6.50
C LEU A 249 -0.03 7.98 6.20
N SER A 250 -1.03 7.09 6.16
CA SER A 250 -2.33 7.43 5.60
C SER A 250 -3.16 8.28 6.57
N ARG A 251 -4.23 8.85 6.03
CA ARG A 251 -5.13 9.74 6.76
C ARG A 251 -6.55 9.43 6.31
N LEU A 252 -7.49 9.49 7.27
CA LEU A 252 -8.92 9.48 6.97
C LEU A 252 -9.68 10.09 8.13
N GLU A 253 -11.00 10.16 7.98
CA GLU A 253 -11.83 10.64 9.05
C GLU A 253 -13.19 9.98 8.96
N ARG A 254 -13.86 9.92 10.12
CA ARG A 254 -15.24 9.48 10.22
C ARG A 254 -15.92 10.33 11.30
N ASP A 255 -17.07 10.93 10.94
CA ASP A 255 -17.88 11.72 11.86
C ASP A 255 -17.04 12.80 12.53
N GLY A 256 -16.17 13.43 11.74
CA GLY A 256 -15.35 14.54 12.22
C GLY A 256 -14.11 14.15 13.02
N ILE A 257 -13.86 12.85 13.23
CA ILE A 257 -12.67 12.43 13.96
C ILE A 257 -11.63 12.01 12.92
N VAL A 258 -10.46 12.66 12.97
CA VAL A 258 -9.42 12.47 11.98
C VAL A 258 -8.39 11.52 12.55
N VAL A 259 -7.95 10.56 11.73
CA VAL A 259 -6.91 9.61 12.06
C VAL A 259 -5.79 9.78 11.04
N PHE A 260 -4.54 10.04 11.49
CA PHE A 260 -3.46 10.31 10.56
C PHE A 260 -2.10 10.18 11.23
N CYS A 261 -1.05 10.21 10.38
CA CYS A 261 0.32 10.21 10.83
C CYS A 261 0.89 11.62 10.74
N ASP A 262 1.25 12.19 11.90
CA ASP A 262 1.73 13.56 11.94
C ASP A 262 3.23 13.58 11.63
N VAL A 263 3.59 13.97 10.39
CA VAL A 263 4.98 13.98 9.96
C VAL A 263 5.51 15.41 9.86
N SER A 264 4.86 16.38 10.49
CA SER A 264 5.17 17.79 10.31
C SER A 264 6.57 18.12 10.83
N MET A 265 7.05 17.36 11.83
CA MET A 265 8.37 17.57 12.42
C MET A 265 9.37 16.55 11.87
N ASP A 266 8.97 15.74 10.89
CA ASP A 266 9.90 14.79 10.31
C ASP A 266 10.77 15.53 9.32
N GLU A 267 12.09 15.35 9.43
CA GLU A 267 13.02 16.08 8.60
C GLU A 267 13.29 15.26 7.35
N ASP A 268 13.72 14.01 7.58
CA ASP A 268 14.29 13.16 6.55
C ASP A 268 13.26 12.78 5.49
N LEU A 269 11.97 12.75 5.84
CA LEU A 269 10.95 12.33 4.88
C LEU A 269 10.99 13.24 3.65
N PHE A 270 11.44 14.49 3.84
CA PHE A 270 11.34 15.49 2.78
C PHE A 270 12.70 15.81 2.15
N THR A 271 13.72 14.97 2.38
CA THR A 271 15.08 15.26 1.92
C THR A 271 15.64 14.13 1.04
N GLY A 272 14.78 13.25 0.52
CA GLY A 272 15.24 12.21 -0.38
C GLY A 272 15.49 12.76 -1.78
N ASP A 273 16.23 12.00 -2.60
CA ASP A 273 16.48 12.35 -4.00
C ASP A 273 16.75 11.06 -4.76
N GLY A 274 16.77 11.15 -6.09
CA GLY A 274 17.11 10.02 -6.94
C GLY A 274 15.88 9.30 -7.50
N ASP A 275 14.67 9.74 -7.10
CA ASP A 275 13.42 9.15 -7.58
C ASP A 275 12.33 10.22 -7.40
N TYR A 276 11.42 10.29 -8.36
CA TYR A 276 10.28 11.17 -8.25
C TYR A 276 9.47 10.88 -6.98
N GLN A 277 9.55 9.64 -6.47
CA GLN A 277 8.93 9.33 -5.19
C GLN A 277 9.22 10.42 -4.16
N PHE A 278 10.50 10.84 -4.05
CA PHE A 278 10.94 11.71 -2.96
C PHE A 278 10.45 13.14 -3.19
N ASP A 279 10.19 13.50 -4.44
CA ASP A 279 9.54 14.78 -4.72
C ASP A 279 8.10 14.78 -4.22
N ILE A 280 7.41 13.62 -4.25
CA ILE A 280 5.99 13.60 -3.90
C ILE A 280 5.85 14.04 -2.44
N TYR A 281 6.74 13.57 -1.56
CA TYR A 281 6.67 13.96 -0.17
C TYR A 281 6.70 15.49 -0.06
N ARG A 282 7.61 16.11 -0.83
CA ARG A 282 7.77 17.55 -0.76
C ARG A 282 6.54 18.24 -1.35
N LEU A 283 6.02 17.70 -2.45
CA LEU A 283 4.85 18.27 -3.10
C LEU A 283 3.62 18.17 -2.20
N MET A 284 3.50 17.07 -1.44
CA MET A 284 2.39 16.95 -0.50
C MET A 284 2.45 18.03 0.57
N LYS A 285 3.65 18.26 1.11
CA LYS A 285 3.86 19.22 2.18
C LYS A 285 3.57 20.63 1.68
N LYS A 286 3.92 20.91 0.43
CA LYS A 286 3.59 22.17 -0.20
C LYS A 286 2.06 22.30 -0.32
N GLU A 287 1.38 21.25 -0.79
CA GLU A 287 -0.07 21.24 -0.95
C GLU A 287 -0.78 21.51 0.38
N ASN A 288 -0.30 20.93 1.49
CA ASN A 288 -1.05 20.96 2.75
C ASN A 288 -0.44 21.93 3.76
N ASN A 289 0.58 22.70 3.33
CA ASN A 289 1.20 23.70 4.19
C ASN A 289 1.66 23.08 5.51
N ASN A 290 2.08 21.81 5.44
CA ASN A 290 2.63 21.06 6.55
C ASN A 290 1.58 20.80 7.64
N ARG A 291 0.28 20.85 7.29
CA ARG A 291 -0.78 20.49 8.23
C ARG A 291 -1.43 19.16 7.80
N TRP A 292 -1.01 18.07 8.45
CA TRP A 292 -1.26 16.73 7.96
C TRP A 292 -2.62 16.21 8.40
N GLY A 293 -3.26 16.94 9.33
CA GLY A 293 -4.59 16.59 9.79
C GLY A 293 -5.66 16.96 8.77
N GLU A 294 -5.39 17.97 7.95
CA GLU A 294 -6.35 18.45 6.96
C GLU A 294 -6.54 17.42 5.86
N TYR A 295 -7.63 17.60 5.09
CA TYR A 295 -7.94 16.75 3.94
C TYR A 295 -7.51 17.41 2.64
N HIS A 296 -6.53 16.81 1.97
CA HIS A 296 -6.01 17.29 0.71
C HIS A 296 -5.95 16.12 -0.25
N PRO A 297 -7.09 15.76 -0.89
CA PRO A 297 -7.12 14.60 -1.79
C PRO A 297 -6.26 14.77 -3.03
N TYR A 298 -5.75 16.00 -3.26
CA TYR A 298 -4.76 16.21 -4.30
C TYR A 298 -3.54 15.30 -4.07
N SER A 299 -3.24 14.92 -2.83
CA SER A 299 -2.13 14.00 -2.61
C SER A 299 -2.35 12.68 -3.34
N ASN A 300 -3.61 12.21 -3.45
CA ASN A 300 -3.88 10.98 -4.20
C ASN A 300 -3.56 11.18 -5.69
N VAL A 301 -3.85 12.36 -6.22
CA VAL A 301 -3.53 12.72 -7.61
C VAL A 301 -2.02 12.69 -7.81
N LEU A 302 -1.27 13.27 -6.87
CA LEU A 302 0.18 13.26 -6.97
C LEU A 302 0.73 11.84 -7.06
N TRP A 303 0.27 10.93 -6.18
CA TRP A 303 0.77 9.58 -6.23
C TRP A 303 0.41 8.89 -7.54
N LEU A 304 -0.82 9.09 -8.02
CA LEU A 304 -1.22 8.51 -9.29
C LEU A 304 -0.34 9.06 -10.42
N HIS A 305 0.04 10.34 -10.34
CA HIS A 305 1.00 10.91 -11.29
C HIS A 305 2.34 10.20 -11.22
N TYR A 306 2.88 10.00 -10.01
CA TYR A 306 4.11 9.26 -9.82
C TYR A 306 4.00 7.86 -10.44
N LEU A 307 2.84 7.19 -10.27
CA LEU A 307 2.68 5.83 -10.76
C LEU A 307 2.55 5.83 -12.29
N THR A 308 1.84 6.81 -12.86
CA THR A 308 1.75 6.93 -14.31
C THR A 308 3.16 7.11 -14.92
N ASP A 309 3.98 7.90 -14.23
CA ASP A 309 5.36 8.15 -14.60
C ASP A 309 6.16 6.84 -14.65
N LYS A 310 6.01 6.03 -13.61
CA LYS A 310 6.71 4.77 -13.54
C LYS A 310 6.28 3.88 -14.71
N MET A 311 5.00 3.84 -15.03
N MET A 311 4.99 3.92 -15.04
CA MET A 311 4.58 2.98 -16.11
CA MET A 311 4.39 3.09 -16.08
C MET A 311 5.24 3.43 -17.42
C MET A 311 4.89 3.45 -17.48
N LEU A 312 5.25 4.74 -17.68
CA LEU A 312 5.72 5.24 -18.96
C LEU A 312 7.24 5.21 -19.08
N LYS A 313 7.99 5.24 -17.97
CA LYS A 313 9.43 5.41 -18.02
C LYS A 313 10.21 4.20 -17.51
N GLN A 314 9.67 3.43 -16.56
CA GLN A 314 10.52 2.50 -15.83
C GLN A 314 10.00 1.08 -15.96
N MET A 315 9.12 0.83 -16.94
CA MET A 315 8.53 -0.46 -17.11
C MET A 315 8.65 -0.92 -18.55
N THR A 316 8.62 -2.25 -18.74
CA THR A 316 8.71 -2.82 -20.07
C THR A 316 7.68 -3.94 -20.17
N PHE A 317 6.98 -3.96 -21.31
CA PHE A 317 5.84 -4.83 -21.54
C PHE A 317 6.21 -5.93 -22.52
N LYS A 318 5.51 -7.06 -22.42
CA LYS A 318 5.80 -8.23 -23.24
C LYS A 318 5.32 -7.99 -24.68
N THR A 319 4.15 -7.35 -24.84
CA THR A 319 3.71 -6.88 -26.14
C THR A 319 3.96 -5.36 -26.21
N LYS A 320 4.81 -4.96 -27.15
CA LYS A 320 5.01 -3.54 -27.42
C LYS A 320 3.77 -2.96 -28.08
N CYS A 321 3.64 -1.63 -28.03
CA CYS A 321 2.50 -0.94 -28.62
C CYS A 321 2.74 -0.64 -30.10
N ASN A 322 3.00 -1.70 -30.90
CA ASN A 322 3.32 -1.54 -32.31
C ASN A 322 2.13 -1.85 -33.20
N THR A 323 0.93 -1.88 -32.62
CA THR A 323 -0.31 -1.90 -33.37
C THR A 323 -0.99 -0.54 -33.16
N PRO A 324 -1.84 -0.09 -34.10
CA PRO A 324 -2.59 1.15 -33.93
C PRO A 324 -3.40 1.22 -32.63
N ALA A 325 -4.15 0.15 -32.31
CA ALA A 325 -5.00 0.13 -31.14
C ALA A 325 -4.18 0.35 -29.86
N MET A 326 -3.03 -0.35 -29.76
CA MET A 326 -2.19 -0.26 -28.57
C MET A 326 -1.45 1.07 -28.54
N LYS A 327 -1.11 1.63 -29.71
CA LYS A 327 -0.44 2.93 -29.75
C LYS A 327 -1.40 4.01 -29.27
N GLN A 328 -2.70 3.87 -29.56
CA GLN A 328 -3.70 4.83 -29.08
C GLN A 328 -3.77 4.81 -27.55
N ILE A 329 -3.68 3.61 -26.97
CA ILE A 329 -3.67 3.47 -25.53
C ILE A 329 -2.47 4.19 -24.95
N LYS A 330 -1.28 3.99 -25.53
CA LYS A 330 -0.12 4.72 -25.05
C LYS A 330 -0.37 6.24 -25.08
N ARG A 331 -0.96 6.75 -26.17
CA ARG A 331 -1.12 8.20 -26.29
C ARG A 331 -2.06 8.69 -25.19
N LYS A 332 -3.12 7.92 -24.91
CA LYS A 332 -4.07 8.24 -23.85
C LYS A 332 -3.39 8.25 -22.48
N ILE A 333 -2.42 7.36 -22.23
CA ILE A 333 -1.74 7.38 -20.94
C ILE A 333 -0.80 8.58 -20.86
N GLN A 334 -0.13 8.90 -21.98
CA GLN A 334 0.68 10.11 -22.03
C GLN A 334 -0.17 11.35 -21.78
N GLU A 335 -1.38 11.40 -22.35
CA GLU A 335 -2.24 12.56 -22.21
C GLU A 335 -2.71 12.65 -20.76
N PHE A 336 -2.92 11.50 -20.13
CA PHE A 336 -3.28 11.44 -18.71
C PHE A 336 -2.15 12.03 -17.87
N HIS A 337 -0.92 11.59 -18.14
CA HIS A 337 0.28 12.05 -17.43
C HIS A 337 0.39 13.57 -17.48
N ARG A 338 0.04 14.16 -18.62
CA ARG A 338 0.32 15.58 -18.77
C ARG A 338 -0.85 16.44 -18.32
N THR A 339 -2.04 15.88 -18.09
CA THR A 339 -3.20 16.66 -17.67
C THR A 339 -3.67 16.35 -16.24
N MET A 340 -3.33 15.18 -15.69
CA MET A 340 -3.98 14.72 -14.47
C MET A 340 -3.70 15.66 -13.29
N LEU A 341 -2.56 16.36 -13.27
CA LEU A 341 -2.24 17.25 -12.17
C LEU A 341 -3.15 18.48 -12.15
N ASN A 342 -4.01 18.65 -13.17
CA ASN A 342 -5.02 19.69 -13.14
C ASN A 342 -6.32 19.20 -12.49
N PHE A 343 -6.32 18.00 -11.89
CA PHE A 343 -7.51 17.47 -11.23
C PHE A 343 -7.32 17.54 -9.72
N SER A 344 -8.42 17.56 -8.96
CA SER A 344 -8.36 17.95 -7.57
C SER A 344 -8.39 16.74 -6.62
N SER A 345 -8.70 15.55 -7.14
CA SER A 345 -8.86 14.35 -6.34
C SER A 345 -8.89 13.13 -7.26
N ALA A 346 -8.79 11.93 -6.68
CA ALA A 346 -8.99 10.72 -7.46
C ALA A 346 -10.42 10.65 -7.98
N THR A 347 -11.38 11.17 -7.20
CA THR A 347 -12.78 11.19 -7.57
C THR A 347 -12.96 12.02 -8.84
N ASP A 348 -12.32 13.20 -8.86
CA ASP A 348 -12.33 14.09 -10.02
C ASP A 348 -11.78 13.34 -11.24
N LEU A 349 -10.63 12.66 -11.07
CA LEU A 349 -10.04 11.90 -12.18
C LEU A 349 -11.02 10.85 -12.67
N LEU A 350 -11.57 10.05 -11.74
CA LEU A 350 -12.35 8.91 -12.18
C LEU A 350 -13.57 9.38 -12.95
N CYS A 351 -14.24 10.42 -12.41
CA CYS A 351 -15.51 10.89 -12.94
C CYS A 351 -15.33 11.71 -14.21
N GLN A 352 -14.19 12.40 -14.36
CA GLN A 352 -14.06 13.42 -15.39
C GLN A 352 -12.94 13.16 -16.40
N HIS A 353 -11.94 12.33 -16.10
CA HIS A 353 -10.81 12.21 -17.03
C HIS A 353 -11.18 11.33 -18.22
N SER A 354 -10.77 11.77 -19.43
CA SER A 354 -11.11 11.07 -20.67
C SER A 354 -10.53 9.64 -20.69
N LEU A 355 -9.41 9.41 -20.00
CA LEU A 355 -8.81 8.09 -19.95
C LEU A 355 -9.81 7.01 -19.53
N PHE A 356 -10.81 7.35 -18.71
CA PHE A 356 -11.69 6.34 -18.15
C PHE A 356 -13.07 6.36 -18.77
N LYS A 357 -13.20 7.04 -19.92
CA LYS A 357 -14.48 7.17 -20.60
C LYS A 357 -14.56 6.13 -21.71
#